data_7KHX
#
_entry.id   7KHX
#
_cell.length_a   70.540
_cell.length_b   64.820
_cell.length_c   81.230
_cell.angle_alpha   90.000
_cell.angle_beta   91.228
_cell.angle_gamma   90.000
#
_symmetry.space_group_name_H-M   'P 1 21 1'
#
loop_
_entity.id
_entity.type
_entity.pdbx_description
1 polymer 'Tumor necrosis factor ligand superfamily member 18'
2 polymer 'Tumor necrosis factor receptor superfamily member 18'
3 branched 2-acetamido-2-deoxy-beta-D-glucopyranose-(1-4)-2-acetamido-2-deoxy-beta-D-glucopyranose
4 non-polymer 2-acetamido-2-deoxy-beta-D-glucopyranose
#
loop_
_entity_poly.entity_id
_entity_poly.type
_entity_poly.pdbx_seq_one_letter_code
_entity_poly.pdbx_strand_id
1 'polypeptide(L)'
;TSLKPTAIESCMVKFELSSSKWHMTSPKPHCVNTTSDGKLKILQSGTYLIYGQVIPVDKKYIKDNAPFVVQIYKKNDVLQ
TLMNDFQILPIGGVYELHAGDNIYLKFNSKDHIQKTNTYWGIILMPDLPFIS
;
B,A
2 'polypeptide(L)'
;QPSVVEEPGCGPGKVQNGSGNNTRCCSLYAPGKEDCPKERCICVTPEYHCGDPQCKICKHYPCQPGQRVESQGDIVFGFR
CVACAMGTFSAGRDGHCRLWTNCSQFGFLTMFPGNKTHNAVCIPEPLPTEQYGH
;
D,C
#
loop_
_chem_comp.id
_chem_comp.type
_chem_comp.name
_chem_comp.formula
NAG D-saccharide, beta linking 2-acetamido-2-deoxy-beta-D-glucopyranose 'C8 H15 N O6'
#
# COMPACT_ATOMS: atom_id res chain seq x y z
N GLU A 9 -2.71 -20.25 31.44
CA GLU A 9 -3.63 -19.12 31.56
C GLU A 9 -3.48 -18.16 30.38
N SER A 10 -3.17 -18.72 29.21
CA SER A 10 -3.06 -17.97 27.97
C SER A 10 -4.24 -18.29 27.07
N CYS A 11 -4.62 -17.33 26.23
CA CYS A 11 -5.79 -17.44 25.37
C CYS A 11 -5.40 -16.95 23.99
N MET A 12 -5.15 -17.89 23.07
CA MET A 12 -4.66 -17.56 21.74
C MET A 12 -5.34 -18.44 20.69
N VAL A 13 -5.84 -17.81 19.63
CA VAL A 13 -6.49 -18.51 18.53
C VAL A 13 -5.88 -18.03 17.21
N LYS A 14 -6.12 -18.80 16.15
CA LYS A 14 -5.62 -18.44 14.82
C LYS A 14 -6.45 -19.16 13.77
N PHE A 15 -7.04 -18.39 12.85
CA PHE A 15 -7.81 -18.95 11.74
C PHE A 15 -6.95 -18.97 10.49
N GLU A 16 -6.88 -20.13 9.84
CA GLU A 16 -6.23 -20.28 8.55
C GLU A 16 -7.28 -20.35 7.45
N LEU A 17 -6.90 -19.89 6.26
CA LEU A 17 -7.84 -19.96 5.14
C LEU A 17 -7.87 -21.34 4.52
N SER A 18 -6.72 -21.98 4.35
CA SER A 18 -6.66 -23.30 3.73
C SER A 18 -7.45 -24.32 4.55
N SER A 19 -7.08 -24.47 5.82
CA SER A 19 -7.76 -25.43 6.68
C SER A 19 -9.17 -24.98 7.00
N SER A 20 -9.42 -23.67 6.98
CA SER A 20 -10.69 -23.10 7.42
C SER A 20 -11.01 -23.52 8.86
N LYS A 21 -9.97 -23.74 9.65
CA LYS A 21 -10.12 -24.24 11.01
C LYS A 21 -9.25 -23.42 11.95
N TRP A 22 -9.78 -23.13 13.13
CA TRP A 22 -9.03 -22.36 14.11
C TRP A 22 -8.05 -23.26 14.86
N HIS A 23 -6.85 -22.77 15.07
CA HIS A 23 -5.84 -23.49 15.84
C HIS A 23 -5.70 -22.77 17.18
N MET A 24 -5.98 -23.49 18.28
CA MET A 24 -6.09 -22.85 19.59
C MET A 24 -5.15 -23.47 20.61
N THR A 25 -4.95 -22.72 21.71
CA THR A 25 -4.20 -23.23 22.85
C THR A 25 -5.05 -24.16 23.68
N SER A 26 -6.36 -23.98 23.67
CA SER A 26 -7.30 -24.73 24.49
C SER A 26 -8.51 -25.08 23.64
N PRO A 27 -9.22 -26.15 23.99
CA PRO A 27 -10.42 -26.51 23.21
C PRO A 27 -11.50 -25.45 23.25
N LYS A 28 -11.83 -24.93 24.44
CA LYS A 28 -12.81 -23.86 24.60
C LYS A 28 -12.12 -22.69 25.28
N PRO A 29 -11.48 -21.80 24.51
CA PRO A 29 -10.80 -20.65 25.12
C PRO A 29 -11.80 -19.75 25.86
N HIS A 30 -11.38 -19.30 27.05
CA HIS A 30 -12.25 -18.48 27.88
C HIS A 30 -12.52 -17.11 27.26
N CYS A 31 -11.57 -16.61 26.46
CA CYS A 31 -11.66 -15.23 25.98
C CYS A 31 -12.53 -15.08 24.73
N VAL A 32 -12.88 -16.17 24.05
CA VAL A 32 -13.55 -16.08 22.76
C VAL A 32 -14.49 -17.25 22.57
N ASN A 33 -15.43 -17.09 21.63
CA ASN A 33 -16.34 -18.15 21.17
C ASN A 33 -16.36 -18.03 19.65
N THR A 34 -15.41 -18.68 18.99
CA THR A 34 -15.13 -18.39 17.59
C THR A 34 -16.27 -18.87 16.68
N THR A 35 -16.37 -18.22 15.53
CA THR A 35 -17.24 -18.66 14.44
C THR A 35 -16.38 -19.28 13.35
N SER A 36 -16.84 -20.39 12.80
CA SER A 36 -16.09 -21.03 11.71
C SER A 36 -16.17 -20.23 10.42
N ASP A 37 -16.98 -19.18 10.37
CA ASP A 37 -16.95 -18.25 9.25
C ASP A 37 -15.56 -17.64 9.05
N GLY A 38 -14.78 -17.59 10.11
CA GLY A 38 -13.60 -16.75 10.19
C GLY A 38 -13.75 -15.57 11.14
N LYS A 39 -14.97 -15.20 11.53
CA LYS A 39 -15.22 -14.18 12.53
C LYS A 39 -14.97 -14.76 13.92
N LEU A 40 -15.00 -13.87 14.92
CA LEU A 40 -14.82 -14.30 16.29
C LEU A 40 -15.63 -13.40 17.22
N LYS A 41 -16.07 -13.96 18.35
CA LYS A 41 -16.90 -13.25 19.32
C LYS A 41 -16.20 -13.34 20.67
N ILE A 42 -15.57 -12.24 21.09
CA ILE A 42 -14.82 -12.25 22.33
C ILE A 42 -15.77 -12.33 23.52
N LEU A 43 -15.30 -12.95 24.59
CA LEU A 43 -16.04 -13.05 25.84
C LEU A 43 -15.38 -12.30 26.98
N GLN A 44 -14.05 -12.28 27.02
CA GLN A 44 -13.31 -11.60 28.07
C GLN A 44 -12.96 -10.18 27.64
N SER A 45 -13.14 -9.24 28.57
CA SER A 45 -12.74 -7.86 28.33
C SER A 45 -11.26 -7.68 28.68
N GLY A 46 -10.61 -6.77 27.97
CA GLY A 46 -9.23 -6.44 28.24
C GLY A 46 -8.49 -6.13 26.95
N THR A 47 -7.16 -6.15 27.06
CA THR A 47 -6.29 -5.77 25.96
C THR A 47 -6.09 -6.95 25.01
N TYR A 48 -6.38 -6.73 23.74
CA TYR A 48 -6.21 -7.75 22.70
C TYR A 48 -5.17 -7.29 21.69
N LEU A 49 -4.75 -8.23 20.85
CA LEU A 49 -3.84 -7.93 19.74
C LEU A 49 -4.35 -8.66 18.50
N ILE A 50 -4.91 -7.91 17.56
CA ILE A 50 -5.28 -8.47 16.27
C ILE A 50 -4.02 -8.61 15.43
N TYR A 51 -3.80 -9.81 14.87
CA TYR A 51 -2.64 -10.08 14.04
C TYR A 51 -3.08 -10.79 12.78
N GLY A 52 -2.10 -11.18 11.96
CA GLY A 52 -2.38 -11.94 10.76
C GLY A 52 -1.93 -11.28 9.48
N GLN A 53 -1.56 -12.10 8.50
CA GLN A 53 -1.18 -11.62 7.17
C GLN A 53 -2.29 -11.95 6.18
N VAL A 54 -2.42 -11.09 5.16
CA VAL A 54 -3.39 -11.28 4.09
C VAL A 54 -2.62 -11.21 2.78
N ILE A 55 -2.44 -12.36 2.13
CA ILE A 55 -1.66 -12.47 0.90
C ILE A 55 -2.63 -12.49 -0.27
N PRO A 56 -2.57 -11.51 -1.18
CA PRO A 56 -3.45 -11.51 -2.35
C PRO A 56 -2.85 -12.30 -3.51
N VAL A 57 -3.64 -12.43 -4.57
CA VAL A 57 -3.21 -13.10 -5.79
C VAL A 57 -2.32 -12.15 -6.57
N ASP A 58 -1.63 -12.69 -7.58
CA ASP A 58 -0.81 -11.85 -8.44
C ASP A 58 -1.68 -10.87 -9.22
N LYS A 59 -1.08 -9.75 -9.63
CA LYS A 59 -1.81 -8.74 -10.36
C LYS A 59 -2.15 -9.17 -11.78
N LYS A 60 -1.68 -10.34 -12.22
CA LYS A 60 -2.09 -10.90 -13.50
C LYS A 60 -3.30 -11.81 -13.36
N TYR A 61 -3.47 -12.45 -12.21
CA TYR A 61 -4.62 -13.30 -11.93
C TYR A 61 -5.86 -12.50 -11.54
N ILE A 62 -5.75 -11.17 -11.45
CA ILE A 62 -6.88 -10.34 -11.05
C ILE A 62 -7.93 -10.33 -12.16
N LYS A 63 -9.11 -9.83 -11.85
CA LYS A 63 -10.22 -9.82 -12.81
C LYS A 63 -10.79 -8.42 -12.97
N ASP A 64 -11.13 -7.78 -11.85
CA ASP A 64 -11.79 -6.48 -11.86
C ASP A 64 -10.80 -5.38 -11.47
N ASN A 65 -11.21 -4.14 -11.73
CA ASN A 65 -10.42 -2.96 -11.40
C ASN A 65 -10.55 -2.57 -9.93
N ALA A 66 -11.23 -3.38 -9.12
CA ALA A 66 -11.42 -3.04 -7.72
C ALA A 66 -10.09 -3.05 -6.98
N PRO A 67 -9.78 -2.02 -6.20
CA PRO A 67 -8.50 -2.00 -5.48
C PRO A 67 -8.50 -2.95 -4.29
N PHE A 68 -7.31 -3.38 -3.92
CA PHE A 68 -7.13 -4.29 -2.78
C PHE A 68 -7.35 -3.53 -1.49
N VAL A 69 -8.43 -3.85 -0.78
CA VAL A 69 -8.76 -3.19 0.49
C VAL A 69 -9.19 -4.25 1.50
N VAL A 70 -8.68 -4.15 2.72
CA VAL A 70 -9.03 -5.05 3.81
C VAL A 70 -9.47 -4.22 5.01
N GLN A 71 -10.66 -4.50 5.52
CA GLN A 71 -11.22 -3.79 6.66
C GLN A 71 -11.39 -4.72 7.85
N ILE A 72 -11.44 -4.12 9.03
CA ILE A 72 -11.69 -4.82 10.29
C ILE A 72 -12.81 -4.10 11.02
N TYR A 73 -13.75 -4.87 11.57
CA TYR A 73 -14.96 -4.32 12.17
C TYR A 73 -15.02 -4.61 13.65
N LYS A 74 -15.54 -3.64 14.41
CA LYS A 74 -15.92 -3.80 15.80
C LYS A 74 -17.44 -3.70 15.86
N LYS A 75 -18.10 -4.82 16.18
CA LYS A 75 -19.54 -4.96 15.99
C LYS A 75 -19.88 -4.63 14.54
N ASN A 76 -20.55 -3.50 14.31
CA ASN A 76 -20.76 -2.99 12.97
C ASN A 76 -19.94 -1.74 12.69
N ASP A 77 -19.14 -1.29 13.65
CA ASP A 77 -18.31 -0.10 13.48
C ASP A 77 -16.95 -0.50 12.95
N VAL A 78 -16.45 0.29 11.99
CA VAL A 78 -15.16 -0.01 11.37
C VAL A 78 -14.04 0.24 12.37
N LEU A 79 -13.04 -0.64 12.36
CA LEU A 79 -11.88 -0.53 13.22
C LEU A 79 -10.60 -0.23 12.46
N GLN A 80 -10.39 -0.90 11.32
CA GLN A 80 -9.19 -0.71 10.52
C GLN A 80 -9.57 -0.75 9.04
N THR A 81 -8.75 -0.08 8.22
CA THR A 81 -8.97 -0.05 6.78
C THR A 81 -7.61 0.04 6.10
N LEU A 82 -7.18 -1.07 5.50
CA LEU A 82 -5.86 -1.18 4.90
C LEU A 82 -5.98 -1.35 3.38
N MET A 83 -4.87 -1.06 2.69
CA MET A 83 -4.81 -1.21 1.25
C MET A 83 -3.37 -1.12 0.79
N ASN A 84 -3.02 -1.89 -0.24
CA ASN A 84 -1.72 -1.83 -0.88
C ASN A 84 -1.88 -2.27 -2.33
N ASP A 85 -0.78 -2.20 -3.08
CA ASP A 85 -0.82 -2.56 -4.50
C ASP A 85 -0.70 -4.06 -4.68
N PHE A 86 -1.54 -4.83 -3.99
CA PHE A 86 -1.63 -6.28 -4.16
C PHE A 86 -0.32 -6.98 -3.79
N GLN A 87 0.18 -6.67 -2.60
CA GLN A 87 1.29 -7.44 -2.02
C GLN A 87 0.92 -7.87 -0.61
N ILE A 88 1.89 -8.41 0.14
CA ILE A 88 1.62 -8.90 1.48
C ILE A 88 1.10 -7.77 2.36
N LEU A 89 0.08 -8.07 3.17
CA LEU A 89 -0.57 -7.07 4.01
C LEU A 89 -0.74 -7.59 5.44
N PRO A 90 0.13 -7.19 6.36
CA PRO A 90 -0.12 -7.48 7.78
C PRO A 90 -1.20 -6.56 8.32
N ILE A 91 -2.01 -7.12 9.23
CA ILE A 91 -3.19 -6.45 9.74
C ILE A 91 -3.11 -6.35 11.26
N GLY A 92 -3.98 -5.52 11.83
CA GLY A 92 -4.23 -5.55 13.26
C GLY A 92 -3.56 -4.47 14.08
N GLY A 93 -3.21 -4.81 15.32
CA GLY A 93 -2.68 -3.86 16.27
C GLY A 93 -3.23 -4.10 17.65
N VAL A 94 -2.79 -3.33 18.64
CA VAL A 94 -3.24 -3.51 20.01
C VAL A 94 -4.55 -2.75 20.20
N TYR A 95 -5.57 -3.45 20.70
CA TYR A 95 -6.87 -2.84 20.95
C TYR A 95 -7.50 -3.47 22.19
N GLU A 96 -8.13 -2.64 23.00
CA GLU A 96 -8.80 -3.08 24.23
C GLU A 96 -10.31 -2.99 24.02
N LEU A 97 -10.98 -4.13 24.15
CA LEU A 97 -12.42 -4.17 23.97
C LEU A 97 -13.11 -4.79 25.17
N HIS A 98 -14.42 -5.01 25.07
CA HIS A 98 -15.23 -5.48 26.18
C HIS A 98 -16.04 -6.70 25.74
N ALA A 99 -16.69 -7.33 26.72
CA ALA A 99 -17.39 -8.59 26.48
C ALA A 99 -18.47 -8.43 25.43
N GLY A 100 -18.46 -9.33 24.44
CA GLY A 100 -19.48 -9.35 23.42
C GLY A 100 -19.32 -8.29 22.35
N ASP A 101 -18.23 -8.37 21.58
CA ASP A 101 -18.01 -7.47 20.46
C ASP A 101 -17.66 -8.28 19.22
N ASN A 102 -18.27 -7.94 18.10
CA ASN A 102 -18.11 -8.69 16.85
C ASN A 102 -16.86 -8.21 16.13
N ILE A 103 -15.93 -9.12 15.90
CA ILE A 103 -14.67 -8.82 15.22
C ILE A 103 -14.57 -9.72 13.99
N TYR A 104 -14.49 -9.11 12.81
CA TYR A 104 -14.40 -9.87 11.57
C TYR A 104 -13.81 -8.95 10.49
N LEU A 105 -13.67 -9.50 9.29
CA LEU A 105 -13.01 -8.80 8.18
C LEU A 105 -13.94 -8.73 6.99
N LYS A 106 -13.91 -7.58 6.30
CA LYS A 106 -14.57 -7.39 5.02
C LYS A 106 -13.54 -7.03 3.97
N PHE A 107 -13.70 -7.58 2.77
CA PHE A 107 -12.79 -7.33 1.66
C PHE A 107 -13.50 -6.53 0.57
N ASN A 108 -12.74 -6.18 -0.46
CA ASN A 108 -13.31 -5.55 -1.64
C ASN A 108 -13.80 -6.59 -2.64
N SER A 109 -13.06 -7.69 -2.79
CA SER A 109 -13.48 -8.82 -3.61
C SER A 109 -12.78 -10.05 -3.07
N LYS A 110 -13.55 -11.08 -2.70
CA LYS A 110 -12.96 -12.29 -2.15
C LYS A 110 -12.10 -13.02 -3.17
N ASP A 111 -12.27 -12.73 -4.46
CA ASP A 111 -11.40 -13.31 -5.48
C ASP A 111 -10.01 -12.70 -5.47
N HIS A 112 -9.82 -11.57 -4.77
CA HIS A 112 -8.47 -11.05 -4.56
C HIS A 112 -7.66 -11.96 -3.66
N ILE A 113 -8.33 -12.69 -2.76
CA ILE A 113 -7.67 -13.36 -1.65
C ILE A 113 -7.14 -14.71 -2.10
N GLN A 114 -5.85 -14.93 -1.88
CA GLN A 114 -5.23 -16.24 -2.04
C GLN A 114 -5.33 -16.99 -0.71
N LYS A 115 -5.87 -18.20 -0.76
CA LYS A 115 -6.17 -18.92 0.48
C LYS A 115 -4.90 -19.43 1.17
N THR A 116 -3.87 -19.77 0.40
CA THR A 116 -2.66 -20.31 1.00
C THR A 116 -1.88 -19.20 1.71
N ASN A 117 -1.36 -19.52 2.89
CA ASN A 117 -0.49 -18.63 3.67
C ASN A 117 -1.19 -17.31 4.03
N THR A 118 -2.50 -17.37 4.29
CA THR A 118 -3.25 -16.23 4.77
C THR A 118 -3.94 -16.61 6.08
N TYR A 119 -3.72 -15.81 7.11
CA TYR A 119 -4.17 -16.16 8.45
C TYR A 119 -4.48 -14.88 9.22
N TRP A 120 -5.18 -15.05 10.34
CA TRP A 120 -5.38 -13.98 11.30
C TRP A 120 -5.74 -14.61 12.64
N GLY A 121 -5.90 -13.76 13.64
CA GLY A 121 -6.25 -14.21 14.98
C GLY A 121 -6.00 -13.13 16.00
N ILE A 122 -6.41 -13.43 17.23
CA ILE A 122 -6.27 -12.49 18.35
C ILE A 122 -5.73 -13.24 19.55
N ILE A 123 -4.98 -12.52 20.39
CA ILE A 123 -4.48 -13.06 21.64
C ILE A 123 -4.80 -12.07 22.75
N LEU A 124 -5.07 -12.59 23.93
CA LEU A 124 -5.26 -11.72 25.09
C LEU A 124 -3.89 -11.30 25.58
N MET A 125 -3.69 -9.98 25.74
CA MET A 125 -2.37 -9.42 25.97
C MET A 125 -1.99 -9.51 27.45
N PRO A 126 -1.00 -10.32 27.83
CA PRO A 126 -0.48 -10.25 29.21
C PRO A 126 0.09 -8.87 29.46
N ASP A 127 -0.37 -8.23 30.52
CA ASP A 127 0.03 -6.85 30.77
C ASP A 127 1.53 -6.76 31.01
N LEU A 128 2.12 -5.72 30.43
CA LEU A 128 3.54 -5.47 30.60
C LEU A 128 3.70 -4.29 31.55
N PRO A 129 4.16 -4.50 32.78
CA PRO A 129 4.27 -3.35 33.70
C PRO A 129 5.67 -2.78 33.77
N PHE A 130 6.67 -3.60 33.44
CA PHE A 130 8.05 -3.17 33.51
C PHE A 130 8.34 -2.19 32.37
N ILE A 131 9.58 -1.70 32.34
CA ILE A 131 9.98 -0.76 31.30
C ILE A 131 11.49 -0.81 31.18
N SER A 132 11.99 -0.44 30.00
CA SER A 132 13.44 -0.39 29.76
C SER A 132 13.76 0.42 28.51
N CYS B 10 -33.57 18.84 -6.11
CA CYS B 10 -32.55 18.32 -7.01
C CYS B 10 -33.12 17.16 -7.81
N GLY B 11 -34.10 16.47 -7.22
CA GLY B 11 -34.76 15.38 -7.88
C GLY B 11 -36.16 15.18 -7.33
N PRO B 12 -37.09 14.71 -8.16
CA PRO B 12 -38.49 14.59 -7.72
C PRO B 12 -38.68 13.54 -6.62
N GLY B 13 -38.20 12.32 -6.88
CA GLY B 13 -38.34 11.26 -5.91
C GLY B 13 -37.07 11.14 -5.09
N LYS B 14 -36.38 12.26 -4.93
CA LYS B 14 -35.08 12.28 -4.27
C LYS B 14 -35.01 13.40 -3.25
N VAL B 15 -33.94 13.35 -2.46
CA VAL B 15 -33.54 14.44 -1.57
C VAL B 15 -32.06 14.69 -1.82
N GLN B 16 -31.63 15.93 -1.62
CA GLN B 16 -30.26 16.31 -1.95
C GLN B 16 -29.31 15.91 -0.83
N ASN B 17 -28.13 15.42 -1.21
CA ASN B 17 -27.11 15.02 -0.26
C ASN B 17 -25.76 15.51 -0.75
N GLY B 18 -24.93 16.00 0.17
CA GLY B 18 -23.62 16.49 -0.20
C GLY B 18 -23.67 17.84 -0.90
N SER B 19 -22.50 18.45 -1.09
CA SER B 19 -22.41 19.75 -1.75
C SER B 19 -21.26 19.74 -2.75
N GLY B 20 -21.20 20.79 -3.55
CA GLY B 20 -20.13 20.93 -4.53
C GLY B 20 -20.13 19.80 -5.54
N ASN B 21 -19.05 19.02 -5.55
CA ASN B 21 -18.96 17.88 -6.45
C ASN B 21 -19.39 16.56 -5.81
N ASN B 22 -19.45 16.51 -4.49
CA ASN B 22 -20.00 15.36 -3.79
C ASN B 22 -21.52 15.37 -3.74
N THR B 23 -22.16 16.22 -4.52
CA THR B 23 -23.62 16.31 -4.55
C THR B 23 -24.22 15.01 -5.09
N ARG B 24 -25.31 14.58 -4.46
CA ARG B 24 -26.00 13.35 -4.87
C ARG B 24 -27.43 13.41 -4.40
N CYS B 25 -28.32 12.77 -5.15
CA CYS B 25 -29.75 12.78 -4.85
C CYS B 25 -30.15 11.33 -4.59
N CYS B 26 -30.35 10.96 -3.32
CA CYS B 26 -30.72 9.59 -3.01
C CYS B 26 -32.23 9.41 -3.13
N SER B 27 -32.65 8.19 -3.43
CA SER B 27 -34.06 7.88 -3.62
C SER B 27 -34.54 6.82 -2.62
N LEU B 28 -35.78 6.36 -2.84
CA LEU B 28 -36.38 5.25 -2.11
C LEU B 28 -36.57 5.56 -0.62
N GLU B 39 -32.01 3.24 -1.11
CA GLU B 39 -31.23 4.38 -0.62
C GLU B 39 -30.08 4.68 -1.58
N ARG B 40 -30.02 3.97 -2.70
CA ARG B 40 -28.96 4.18 -3.66
C ARG B 40 -29.06 5.58 -4.28
N CYS B 41 -27.88 6.15 -4.54
CA CYS B 41 -27.73 7.55 -4.91
C CYS B 41 -27.01 7.64 -6.24
N ILE B 42 -27.02 8.83 -6.84
CA ILE B 42 -26.27 9.11 -8.07
C ILE B 42 -25.61 10.46 -7.91
N CYS B 43 -24.28 10.49 -8.03
CA CYS B 43 -23.58 11.76 -8.14
C CYS B 43 -24.01 12.43 -9.44
N VAL B 44 -24.55 13.64 -9.34
CA VAL B 44 -25.10 14.32 -10.51
C VAL B 44 -24.11 15.30 -11.13
N THR B 45 -23.09 15.72 -10.39
CA THR B 45 -22.04 16.53 -10.99
C THR B 45 -21.36 15.71 -12.10
N PRO B 46 -21.20 16.28 -13.29
CA PRO B 46 -20.75 15.47 -14.44
C PRO B 46 -19.39 14.84 -14.20
N GLU B 47 -19.21 13.65 -14.79
CA GLU B 47 -18.01 12.84 -14.67
C GLU B 47 -17.66 12.50 -13.22
N TYR B 48 -18.60 12.64 -12.29
CA TYR B 48 -18.43 12.19 -10.92
C TYR B 48 -19.36 11.02 -10.63
N HIS B 49 -18.85 10.04 -9.88
CA HIS B 49 -19.61 8.84 -9.58
C HIS B 49 -19.39 8.44 -8.12
N CYS B 50 -20.37 7.70 -7.59
CA CYS B 50 -20.27 7.16 -6.25
C CYS B 50 -19.03 6.28 -6.11
N GLY B 51 -18.26 6.51 -5.06
CA GLY B 51 -17.06 5.73 -4.79
C GLY B 51 -17.32 4.59 -3.83
N ASP B 52 -18.30 4.77 -2.95
CA ASP B 52 -18.72 3.78 -1.99
C ASP B 52 -20.10 3.23 -2.36
N PRO B 53 -20.44 2.01 -1.90
CA PRO B 53 -21.82 1.55 -2.14
C PRO B 53 -22.88 2.47 -1.56
N GLN B 54 -22.62 3.07 -0.40
CA GLN B 54 -23.52 4.06 0.16
C GLN B 54 -23.29 5.46 -0.41
N CYS B 55 -22.37 5.60 -1.37
CA CYS B 55 -22.10 6.87 -2.04
C CYS B 55 -21.70 7.96 -1.04
N LYS B 56 -20.92 7.56 -0.03
CA LYS B 56 -20.53 8.52 1.01
C LYS B 56 -19.72 9.67 0.42
N ILE B 57 -18.90 9.37 -0.60
CA ILE B 57 -18.13 10.39 -1.29
C ILE B 57 -18.24 10.16 -2.79
N CYS B 58 -18.17 11.25 -3.55
CA CYS B 58 -18.17 11.20 -5.01
C CYS B 58 -16.74 11.33 -5.51
N LYS B 59 -16.35 10.46 -6.44
CA LYS B 59 -15.03 10.48 -7.04
C LYS B 59 -15.15 10.93 -8.49
N HIS B 60 -14.00 11.13 -9.13
CA HIS B 60 -13.93 11.71 -10.46
C HIS B 60 -13.24 10.72 -11.39
N TYR B 61 -14.00 10.18 -12.35
CA TYR B 61 -13.48 9.19 -13.30
C TYR B 61 -14.21 9.38 -14.62
N PRO B 62 -13.77 10.33 -15.44
CA PRO B 62 -14.48 10.60 -16.70
C PRO B 62 -14.26 9.50 -17.72
N CYS B 63 -15.24 9.34 -18.60
CA CYS B 63 -15.08 8.39 -19.70
C CYS B 63 -15.28 9.11 -21.03
N GLN B 64 -15.60 8.37 -22.07
CA GLN B 64 -15.85 8.91 -23.41
C GLN B 64 -17.23 8.48 -23.88
N PRO B 65 -17.74 9.10 -24.96
CA PRO B 65 -19.04 8.70 -25.50
C PRO B 65 -19.14 7.20 -25.75
N GLY B 66 -20.38 6.69 -25.66
CA GLY B 66 -20.62 5.27 -25.83
C GLY B 66 -19.96 4.40 -24.79
N GLN B 67 -19.81 4.91 -23.57
CA GLN B 67 -19.19 4.15 -22.49
C GLN B 67 -19.88 4.44 -21.17
N ARG B 68 -20.23 3.38 -20.45
CA ARG B 68 -20.76 3.48 -19.10
C ARG B 68 -19.59 3.47 -18.13
N VAL B 69 -19.88 3.38 -16.82
CA VAL B 69 -18.85 3.31 -15.79
C VAL B 69 -19.23 2.16 -14.86
N GLU B 70 -18.64 0.99 -15.08
CA GLU B 70 -18.80 -0.10 -14.14
C GLU B 70 -17.96 0.16 -12.89
N SER B 71 -18.44 -0.33 -11.75
CA SER B 71 -17.84 -0.04 -10.45
C SER B 71 -17.80 -1.33 -9.64
N GLN B 72 -16.72 -2.09 -9.79
CA GLN B 72 -16.54 -3.30 -9.01
C GLN B 72 -15.92 -2.99 -7.66
N GLY B 73 -16.39 -3.69 -6.64
CA GLY B 73 -15.94 -3.48 -5.28
C GLY B 73 -17.07 -3.61 -4.28
N ASP B 74 -16.73 -4.08 -3.08
CA ASP B 74 -17.71 -4.26 -2.03
C ASP B 74 -17.54 -3.30 -0.86
N ILE B 75 -16.42 -2.58 -0.82
CA ILE B 75 -16.21 -1.56 0.21
C ILE B 75 -15.70 -0.28 -0.45
N VAL B 76 -14.82 -0.43 -1.45
CA VAL B 76 -14.28 0.70 -2.22
C VAL B 76 -14.29 0.32 -3.69
N PHE B 77 -14.83 1.21 -4.53
CA PHE B 77 -15.05 0.89 -5.93
C PHE B 77 -13.79 1.06 -6.75
N GLY B 78 -13.60 0.16 -7.72
CA GLY B 78 -12.67 0.37 -8.80
C GLY B 78 -13.43 0.69 -10.07
N PHE B 79 -12.80 1.34 -11.04
CA PHE B 79 -13.50 1.88 -12.19
C PHE B 79 -12.83 1.45 -13.50
N ARG B 80 -13.65 1.28 -14.52
CA ARG B 80 -13.16 1.09 -15.88
C ARG B 80 -14.23 1.55 -16.86
N CYS B 81 -13.81 2.16 -17.97
CA CYS B 81 -14.71 2.75 -18.95
C CYS B 81 -15.23 1.67 -19.91
N VAL B 82 -16.14 0.84 -19.38
CA VAL B 82 -16.74 -0.17 -20.24
C VAL B 82 -17.70 0.51 -21.20
N ALA B 83 -17.83 -0.04 -22.40
CA ALA B 83 -18.68 0.59 -23.40
C ALA B 83 -20.15 0.51 -22.98
N CYS B 84 -20.98 1.30 -23.65
CA CYS B 84 -22.40 1.33 -23.33
C CYS B 84 -23.09 0.13 -23.95
N ALA B 85 -23.98 -0.50 -23.18
CA ALA B 85 -24.70 -1.66 -23.68
C ALA B 85 -25.51 -1.32 -24.92
N MET B 86 -25.74 -2.34 -25.75
CA MET B 86 -26.49 -2.17 -26.98
C MET B 86 -27.94 -1.82 -26.66
N GLY B 87 -28.53 -0.97 -27.51
CA GLY B 87 -29.87 -0.45 -27.28
C GLY B 87 -29.91 0.87 -26.54
N THR B 88 -28.76 1.33 -26.06
CA THR B 88 -28.65 2.58 -25.31
C THR B 88 -27.61 3.46 -26.00
N PHE B 89 -27.24 4.56 -25.34
CA PHE B 89 -26.25 5.48 -25.88
C PHE B 89 -25.69 6.33 -24.74
N SER B 90 -24.66 7.10 -25.07
CA SER B 90 -24.06 8.05 -24.13
C SER B 90 -23.22 9.01 -24.94
N ALA B 91 -23.67 10.26 -25.05
CA ALA B 91 -23.01 11.28 -25.85
C ALA B 91 -22.17 12.24 -25.00
N GLY B 92 -21.75 11.81 -23.82
CA GLY B 92 -21.00 12.68 -22.93
C GLY B 92 -19.93 11.91 -22.18
N ARG B 93 -19.08 12.67 -21.49
CA ARG B 93 -17.99 12.09 -20.70
C ARG B 93 -18.43 11.63 -19.32
N ASP B 94 -19.66 11.95 -18.90
CA ASP B 94 -20.10 11.57 -17.56
C ASP B 94 -20.17 10.06 -17.39
N GLY B 95 -20.44 9.33 -18.48
CA GLY B 95 -20.45 7.88 -18.42
C GLY B 95 -21.73 7.29 -17.87
N HIS B 96 -22.86 7.72 -18.42
CA HIS B 96 -24.16 7.18 -18.05
C HIS B 96 -24.91 6.79 -19.32
N CYS B 97 -25.38 5.55 -19.37
CA CYS B 97 -26.11 5.04 -20.54
C CYS B 97 -27.55 5.52 -20.47
N ARG B 98 -27.84 6.61 -21.17
CA ARG B 98 -29.21 7.05 -21.32
C ARG B 98 -29.85 6.28 -22.47
N LEU B 99 -31.15 6.00 -22.34
CA LEU B 99 -31.83 5.11 -23.26
C LEU B 99 -32.22 5.81 -24.56
N TRP B 100 -32.25 5.01 -25.63
CA TRP B 100 -32.65 5.51 -26.95
C TRP B 100 -34.12 5.93 -26.92
N THR B 101 -34.45 6.88 -27.79
CA THR B 101 -35.83 7.37 -27.92
C THR B 101 -36.54 6.53 -28.97
N ASN B 102 -37.41 5.62 -28.54
CA ASN B 102 -38.21 4.81 -29.45
C ASN B 102 -39.45 5.62 -29.79
N CYS B 103 -39.34 6.50 -30.79
CA CYS B 103 -40.49 7.30 -31.18
C CYS B 103 -41.64 6.44 -31.67
N SER B 104 -41.36 5.28 -32.27
CA SER B 104 -42.43 4.44 -32.81
C SER B 104 -43.41 4.03 -31.72
N GLN B 105 -42.89 3.56 -30.59
CA GLN B 105 -43.74 3.28 -29.44
C GLN B 105 -44.09 4.54 -28.65
N PHE B 106 -43.47 5.69 -28.98
CA PHE B 106 -43.69 6.93 -28.27
C PHE B 106 -44.54 7.94 -29.03
N GLY B 107 -44.61 7.86 -30.36
CA GLY B 107 -45.45 8.79 -31.10
C GLY B 107 -44.95 9.33 -32.43
N PHE B 108 -43.66 9.24 -32.71
CA PHE B 108 -43.09 9.76 -33.96
C PHE B 108 -42.41 8.64 -34.74
N LEU B 109 -41.97 8.97 -35.95
CA LEU B 109 -41.05 8.10 -36.67
C LEU B 109 -39.63 8.66 -36.54
N THR B 110 -38.66 7.83 -36.87
CA THR B 110 -37.25 8.14 -36.64
C THR B 110 -36.54 8.36 -37.98
N MET B 111 -35.91 9.51 -38.14
CA MET B 111 -35.09 9.76 -39.33
C MET B 111 -33.77 8.98 -39.23
N PHE B 112 -33.00 9.25 -38.17
CA PHE B 112 -31.72 8.58 -37.99
C PHE B 112 -31.82 7.55 -36.90
N PRO B 113 -31.39 6.30 -37.17
CA PRO B 113 -31.56 5.24 -36.16
C PRO B 113 -30.74 5.47 -34.91
N GLY B 114 -29.54 6.03 -35.05
CA GLY B 114 -28.71 6.30 -33.90
C GLY B 114 -27.70 5.19 -33.62
N ASN B 115 -26.63 5.56 -32.92
CA ASN B 115 -25.59 4.61 -32.56
C ASN B 115 -25.25 4.85 -31.09
N LYS B 116 -24.09 4.36 -30.65
CA LYS B 116 -23.71 4.55 -29.25
C LYS B 116 -23.27 5.98 -28.97
N THR B 117 -22.52 6.59 -29.90
CA THR B 117 -21.98 7.92 -29.64
C THR B 117 -23.06 8.99 -29.61
N HIS B 118 -24.14 8.83 -30.37
CA HIS B 118 -25.18 9.86 -30.46
C HIS B 118 -26.56 9.24 -30.28
N ASN B 119 -27.52 10.11 -29.98
CA ASN B 119 -28.91 9.70 -29.84
C ASN B 119 -29.63 9.63 -31.19
N ALA B 120 -30.64 8.77 -31.26
CA ALA B 120 -31.44 8.67 -32.45
C ALA B 120 -32.19 9.97 -32.71
N VAL B 121 -32.48 10.23 -33.98
CA VAL B 121 -33.26 11.40 -34.38
C VAL B 121 -34.61 10.92 -34.90
N CYS B 122 -35.63 11.75 -34.69
CA CYS B 122 -36.99 11.47 -35.13
C CYS B 122 -37.43 12.56 -36.10
N ILE B 123 -38.35 12.21 -37.01
CA ILE B 123 -38.69 13.07 -38.13
C ILE B 123 -39.78 14.05 -37.70
N PRO B 124 -39.63 15.34 -38.02
CA PRO B 124 -40.51 16.36 -37.42
C PRO B 124 -41.84 16.55 -38.15
N GLU B 125 -41.86 16.36 -39.47
CA GLU B 125 -43.04 16.72 -40.24
C GLU B 125 -44.28 15.93 -39.83
N PRO B 126 -44.25 14.59 -39.73
CA PRO B 126 -45.48 13.93 -39.27
C PRO B 126 -45.71 14.12 -37.78
N GLU C 9 7.31 -18.62 30.05
CA GLU C 9 6.04 -18.00 30.41
C GLU C 9 5.64 -16.94 29.39
N SER C 10 5.20 -15.78 29.89
CA SER C 10 4.69 -14.71 29.05
C SER C 10 5.74 -13.62 28.91
N CYS C 11 6.36 -13.53 27.73
CA CYS C 11 7.26 -12.44 27.39
C CYS C 11 6.64 -11.68 26.22
N MET C 12 6.06 -10.53 26.51
CA MET C 12 5.68 -9.53 25.52
C MET C 12 6.59 -8.34 25.76
N VAL C 13 7.39 -7.98 24.77
CA VAL C 13 8.36 -6.92 24.95
C VAL C 13 7.97 -5.82 23.97
N LYS C 14 7.09 -4.93 24.41
CA LYS C 14 6.64 -3.83 23.55
C LYS C 14 7.66 -2.71 23.57
N PHE C 15 7.67 -1.90 22.50
CA PHE C 15 8.56 -0.75 22.41
C PHE C 15 7.79 0.45 21.86
N GLU C 16 7.46 1.40 22.73
CA GLU C 16 6.95 2.68 22.26
C GLU C 16 8.09 3.49 21.65
N LEU C 17 7.78 4.22 20.58
CA LEU C 17 8.80 5.05 19.93
C LEU C 17 8.94 6.41 20.60
N SER C 18 7.85 6.95 21.15
CA SER C 18 7.92 8.25 21.82
C SER C 18 8.88 8.21 22.99
N SER C 19 8.66 7.29 23.93
CA SER C 19 9.49 7.20 25.12
C SER C 19 10.82 6.52 24.86
N SER C 20 10.96 5.81 23.75
CA SER C 20 12.13 4.97 23.48
C SER C 20 12.38 3.99 24.63
N LYS C 21 11.30 3.51 25.25
CA LYS C 21 11.37 2.63 26.40
C LYS C 21 10.69 1.31 26.05
N TRP C 22 11.33 0.21 26.39
CA TRP C 22 10.77 -1.11 26.11
C TRP C 22 9.90 -1.53 27.28
N HIS C 23 8.59 -1.33 27.13
CA HIS C 23 7.64 -1.81 28.13
C HIS C 23 7.65 -3.34 28.12
N MET C 24 7.87 -3.95 29.28
CA MET C 24 8.10 -5.38 29.33
C MET C 24 7.22 -6.04 30.38
N THR C 25 6.99 -7.33 30.18
CA THR C 25 6.20 -8.09 31.16
C THR C 25 7.06 -8.59 32.31
N SER C 26 8.34 -8.80 32.06
CA SER C 26 9.28 -9.38 33.01
C SER C 26 10.49 -8.48 33.14
N PRO C 27 11.24 -8.57 34.26
CA PRO C 27 12.45 -7.74 34.40
C PRO C 27 13.48 -8.01 33.32
N LYS C 28 13.90 -9.26 33.21
CA LYS C 28 14.82 -9.69 32.15
C LYS C 28 14.14 -10.84 31.41
N PRO C 29 13.45 -10.56 30.30
CA PRO C 29 12.61 -11.57 29.68
C PRO C 29 13.38 -12.80 29.23
N HIS C 30 12.70 -13.94 29.28
CA HIS C 30 13.32 -15.21 28.91
C HIS C 30 13.62 -15.29 27.42
N CYS C 31 12.82 -14.63 26.59
CA CYS C 31 12.94 -14.79 25.15
C CYS C 31 13.73 -13.67 24.47
N VAL C 32 13.93 -12.53 25.13
CA VAL C 32 14.56 -11.39 24.49
C VAL C 32 15.53 -10.72 25.46
N ASN C 33 16.61 -10.19 24.88
CA ASN C 33 17.54 -9.28 25.57
C ASN C 33 17.53 -8.00 24.76
N THR C 34 16.62 -7.08 25.11
CA THR C 34 16.33 -5.93 24.27
C THR C 34 17.45 -4.90 24.34
N THR C 35 17.39 -3.94 23.41
CA THR C 35 18.30 -2.81 23.36
C THR C 35 17.49 -1.51 23.39
N SER C 36 18.18 -0.42 23.73
CA SER C 36 17.49 0.84 23.94
C SER C 36 17.07 1.49 22.64
N ASP C 37 17.84 1.30 21.57
CA ASP C 37 17.60 2.00 20.31
C ASP C 37 16.43 1.44 19.52
N GLY C 38 15.70 0.46 20.05
CA GLY C 38 14.59 -0.15 19.34
C GLY C 38 14.90 -1.48 18.70
N LYS C 39 16.17 -1.86 18.63
CA LYS C 39 16.55 -3.19 18.16
C LYS C 39 16.44 -4.20 19.30
N LEU C 40 16.65 -5.47 18.99
CA LEU C 40 16.60 -6.51 20.01
C LEU C 40 17.42 -7.70 19.52
N LYS C 41 17.59 -8.67 20.40
CA LYS C 41 18.34 -9.89 20.10
C LYS C 41 17.61 -11.07 20.70
N ILE C 42 17.31 -12.08 19.86
CA ILE C 42 16.54 -13.23 20.30
C ILE C 42 17.36 -14.05 21.30
N LEU C 43 16.69 -14.49 22.37
CA LEU C 43 17.32 -15.39 23.33
C LEU C 43 16.92 -16.83 23.04
N GLN C 44 15.63 -17.14 23.24
CA GLN C 44 15.11 -18.49 23.07
C GLN C 44 14.54 -18.67 21.67
N SER C 45 14.89 -19.78 21.02
CA SER C 45 14.36 -20.09 19.71
C SER C 45 12.91 -20.57 19.82
N GLY C 46 12.19 -20.43 18.72
CA GLY C 46 10.82 -20.91 18.66
C GLY C 46 9.97 -20.00 17.79
N THR C 47 8.66 -20.15 17.95
CA THR C 47 7.70 -19.37 17.18
C THR C 47 7.46 -18.03 17.87
N TYR C 48 7.33 -16.97 17.07
CA TYR C 48 7.15 -15.63 17.60
C TYR C 48 6.08 -14.89 16.79
N LEU C 49 5.76 -13.68 17.24
CA LEU C 49 4.77 -12.84 16.57
C LEU C 49 5.25 -11.39 16.64
N ILE C 50 5.86 -10.92 15.56
CA ILE C 50 6.15 -9.50 15.45
C ILE C 50 4.84 -8.75 15.29
N TYR C 51 4.70 -7.65 16.00
CA TYR C 51 3.48 -6.85 15.93
C TYR C 51 3.85 -5.38 15.97
N GLY C 52 2.84 -4.53 15.79
CA GLY C 52 3.01 -3.09 15.90
C GLY C 52 2.45 -2.30 14.74
N GLN C 53 1.99 -1.08 15.05
CA GLN C 53 1.53 -0.14 14.04
C GLN C 53 2.58 0.94 13.83
N VAL C 54 2.67 1.43 12.60
CA VAL C 54 3.62 2.48 12.23
C VAL C 54 2.81 3.65 11.67
N ILE C 55 2.76 4.73 12.43
CA ILE C 55 2.01 5.93 12.04
C ILE C 55 2.96 6.85 11.28
N PRO C 56 2.71 7.14 10.01
CA PRO C 56 3.53 8.11 9.29
C PRO C 56 3.04 9.54 9.55
N VAL C 57 3.86 10.49 9.11
CA VAL C 57 3.48 11.90 9.17
C VAL C 57 2.48 12.16 8.05
N ASP C 58 1.80 13.29 8.11
CA ASP C 58 0.85 13.64 7.07
C ASP C 58 1.57 13.93 5.76
N LYS C 59 0.86 13.77 4.64
CA LYS C 59 1.44 14.04 3.34
C LYS C 59 1.90 15.48 3.22
N LYS C 60 1.24 16.40 3.92
CA LYS C 60 1.64 17.80 3.88
C LYS C 60 3.03 18.00 4.49
N TYR C 61 3.35 17.26 5.55
CA TYR C 61 4.58 17.48 6.29
C TYR C 61 5.82 16.92 5.61
N ILE C 62 5.65 15.99 4.66
CA ILE C 62 6.81 15.33 4.07
C ILE C 62 7.61 16.34 3.25
N LYS C 63 8.92 16.13 3.20
CA LYS C 63 9.82 17.00 2.45
C LYS C 63 10.24 16.30 1.17
N ASP C 64 11.06 15.27 1.32
CA ASP C 64 11.51 14.48 0.19
C ASP C 64 10.34 13.70 -0.42
N ASN C 65 10.45 13.43 -1.72
CA ASN C 65 9.50 12.59 -2.42
C ASN C 65 9.86 11.11 -2.32
N ALA C 66 10.67 10.73 -1.33
CA ALA C 66 11.01 9.33 -1.14
C ALA C 66 9.76 8.54 -0.74
N PRO C 67 9.60 7.33 -1.26
CA PRO C 67 8.38 6.56 -0.98
C PRO C 67 8.32 6.08 0.45
N PHE C 68 7.10 5.85 0.93
CA PHE C 68 6.87 5.34 2.27
C PHE C 68 7.07 3.82 2.26
N VAL C 69 8.11 3.36 2.94
CA VAL C 69 8.45 1.94 3.01
C VAL C 69 8.84 1.62 4.44
N VAL C 70 8.40 0.45 4.93
CA VAL C 70 8.81 -0.06 6.23
C VAL C 70 9.25 -1.51 6.05
N GLN C 71 10.51 -1.80 6.42
CA GLN C 71 11.08 -3.12 6.28
C GLN C 71 11.38 -3.72 7.65
N ILE C 72 11.45 -5.06 7.68
CA ILE C 72 11.81 -5.82 8.87
C ILE C 72 12.97 -6.73 8.50
N TYR C 73 14.04 -6.69 9.30
CA TYR C 73 15.25 -7.45 9.04
C TYR C 73 15.44 -8.49 10.13
N LYS C 74 15.66 -9.74 9.71
CA LYS C 74 16.22 -10.77 10.58
C LYS C 74 17.70 -10.90 10.25
N LYS C 75 18.55 -10.67 11.26
CA LYS C 75 19.99 -10.58 11.04
C LYS C 75 20.26 -9.53 9.95
N ASN C 76 20.78 -9.96 8.80
CA ASN C 76 21.00 -9.06 7.67
C ASN C 76 20.08 -9.32 6.48
N ASP C 77 19.45 -10.48 6.40
CA ASP C 77 18.53 -10.71 5.29
C ASP C 77 17.18 -10.08 5.59
N VAL C 78 16.43 -9.82 4.53
CA VAL C 78 15.14 -9.15 4.65
C VAL C 78 14.08 -10.16 5.08
N LEU C 79 13.21 -9.73 6.00
CA LEU C 79 12.09 -10.54 6.46
C LEU C 79 10.74 -10.03 5.96
N GLN C 80 10.53 -8.71 5.99
CA GLN C 80 9.28 -8.12 5.55
C GLN C 80 9.57 -6.80 4.86
N THR C 81 8.79 -6.49 3.83
CA THR C 81 8.96 -5.25 3.06
C THR C 81 7.57 -4.70 2.76
N LEU C 82 7.16 -3.70 3.53
CA LEU C 82 5.84 -3.10 3.41
C LEU C 82 5.93 -1.68 2.88
N MET C 83 4.88 -1.25 2.18
CA MET C 83 4.84 0.09 1.62
C MET C 83 3.40 0.46 1.29
N ASN C 84 2.98 1.65 1.72
CA ASN C 84 1.70 2.21 1.36
C ASN C 84 1.87 3.71 1.19
N ASP C 85 0.83 4.37 0.69
CA ASP C 85 0.91 5.80 0.36
C ASP C 85 0.55 6.64 1.59
N PHE C 86 1.44 6.58 2.58
CA PHE C 86 1.38 7.44 3.77
C PHE C 86 0.05 7.29 4.51
N GLN C 87 -0.23 6.06 4.93
CA GLN C 87 -1.37 5.75 5.77
C GLN C 87 -0.92 4.79 6.87
N ILE C 88 -1.81 4.57 7.84
CA ILE C 88 -1.48 3.70 8.96
C ILE C 88 -1.27 2.28 8.46
N LEU C 89 -0.11 1.71 8.78
CA LEU C 89 0.21 0.35 8.36
C LEU C 89 0.61 -0.47 9.57
N PRO C 90 0.06 -1.66 9.75
CA PRO C 90 0.55 -2.59 10.77
C PRO C 90 1.64 -3.51 10.21
N ILE C 91 2.49 -3.99 11.11
CA ILE C 91 3.65 -4.78 10.73
C ILE C 91 3.56 -6.14 11.40
N GLY C 92 4.47 -7.03 11.00
CA GLY C 92 4.69 -8.26 11.72
C GLY C 92 4.07 -9.48 11.07
N GLY C 93 3.87 -10.50 11.90
CA GLY C 93 3.38 -11.78 11.47
C GLY C 93 4.04 -12.92 12.22
N VAL C 94 3.57 -14.14 12.00
CA VAL C 94 4.12 -15.31 12.70
C VAL C 94 5.39 -15.74 12.00
N TYR C 95 6.46 -15.92 12.78
CA TYR C 95 7.73 -16.38 12.20
C TYR C 95 8.46 -17.22 13.24
N GLU C 96 8.81 -18.45 12.86
CA GLU C 96 9.64 -19.27 13.72
C GLU C 96 11.09 -18.86 13.54
N LEU C 97 11.83 -18.78 14.65
CA LEU C 97 13.18 -18.24 14.63
C LEU C 97 14.13 -19.12 15.43
N HIS C 98 15.42 -19.00 15.13
CA HIS C 98 16.47 -19.60 15.92
C HIS C 98 16.88 -18.63 17.03
N ALA C 99 17.94 -18.95 17.75
CA ALA C 99 18.44 -18.10 18.82
C ALA C 99 19.44 -17.09 18.31
N GLY C 100 19.51 -15.95 18.98
CA GLY C 100 20.45 -14.90 18.61
C GLY C 100 20.14 -14.19 17.32
N ASP C 101 18.85 -13.96 17.04
CA ASP C 101 18.42 -13.33 15.81
C ASP C 101 18.14 -11.85 16.06
N ASN C 102 18.75 -10.99 15.24
CA ASN C 102 18.49 -9.56 15.30
C ASN C 102 17.19 -9.24 14.58
N ILE C 103 16.29 -8.55 15.29
CA ILE C 103 15.01 -8.13 14.73
C ILE C 103 14.92 -6.62 14.90
N TYR C 104 14.99 -5.89 13.79
CA TYR C 104 14.96 -4.43 13.83
C TYR C 104 14.22 -3.92 12.61
N LEU C 105 14.04 -2.60 12.55
CA LEU C 105 13.28 -1.95 11.49
C LEU C 105 14.17 -0.94 10.77
N LYS C 106 14.13 -0.97 9.44
CA LYS C 106 14.81 0.02 8.61
C LYS C 106 13.78 0.60 7.65
N PHE C 107 13.59 1.92 7.69
CA PHE C 107 12.78 2.61 6.71
C PHE C 107 13.63 3.70 6.06
N ASN C 108 13.30 4.01 4.80
CA ASN C 108 14.20 4.78 3.95
C ASN C 108 14.53 6.15 4.55
N SER C 109 13.54 6.83 5.11
CA SER C 109 13.74 8.14 5.71
C SER C 109 13.17 8.15 7.11
N LYS C 110 14.04 8.31 8.11
CA LYS C 110 13.60 8.43 9.49
C LYS C 110 12.92 9.77 9.76
N ASP C 111 12.90 10.68 8.78
CA ASP C 111 12.28 11.98 8.96
C ASP C 111 10.76 11.91 8.89
N HIS C 112 10.20 10.98 8.14
CA HIS C 112 8.76 10.92 7.91
C HIS C 112 8.14 9.76 8.68
N ILE C 113 8.10 9.90 10.00
CA ILE C 113 7.36 8.99 10.86
C ILE C 113 6.81 9.80 12.04
N GLN C 114 5.68 9.34 12.57
CA GLN C 114 5.11 9.91 13.78
C GLN C 114 5.65 9.14 14.97
N LYS C 115 6.51 9.77 15.77
CA LYS C 115 7.03 9.11 16.97
C LYS C 115 5.91 8.78 17.94
N THR C 116 4.89 9.64 18.01
CA THR C 116 3.76 9.40 18.89
C THR C 116 2.85 8.33 18.30
N ASN C 117 2.37 7.43 19.16
CA ASN C 117 1.43 6.37 18.82
C ASN C 117 2.02 5.32 17.89
N THR C 118 3.34 5.19 17.85
CA THR C 118 4.01 4.19 17.05
C THR C 118 4.70 3.19 17.97
N TYR C 119 4.48 1.90 17.71
CA TYR C 119 4.99 0.85 18.59
C TYR C 119 5.31 -0.40 17.78
N TRP C 120 6.17 -1.23 18.34
CA TRP C 120 6.46 -2.55 17.78
C TRP C 120 6.96 -3.45 18.89
N GLY C 121 6.79 -4.76 18.69
CA GLY C 121 7.23 -5.73 19.68
C GLY C 121 7.12 -7.13 19.15
N ILE C 122 7.46 -8.09 20.01
CA ILE C 122 7.42 -9.51 19.67
C ILE C 122 6.86 -10.28 20.86
N ILE C 123 6.14 -11.36 20.58
CA ILE C 123 5.54 -12.21 21.60
C ILE C 123 5.93 -13.66 21.34
N LEU C 124 6.19 -14.41 22.39
CA LEU C 124 6.38 -15.85 22.25
C LEU C 124 5.04 -16.51 21.96
N MET C 125 5.08 -17.63 21.24
CA MET C 125 3.86 -18.30 20.81
C MET C 125 3.56 -19.49 21.71
N PRO C 126 2.49 -19.45 22.51
CA PRO C 126 2.05 -20.67 23.19
C PRO C 126 1.59 -21.70 22.17
N ASP C 127 1.89 -22.97 22.47
CA ASP C 127 1.59 -24.04 21.53
C ASP C 127 0.10 -24.09 21.21
N LEU C 128 -0.22 -24.44 19.96
CA LEU C 128 -1.59 -24.46 19.45
C LEU C 128 -1.91 -25.87 18.96
N PRO C 129 -2.21 -26.80 19.87
CA PRO C 129 -2.49 -28.18 19.44
C PRO C 129 -3.97 -28.53 19.41
N PHE C 130 -4.84 -27.52 19.41
CA PHE C 130 -6.28 -27.74 19.42
C PHE C 130 -6.91 -27.05 18.23
N ILE C 131 -7.93 -27.69 17.64
CA ILE C 131 -8.52 -27.23 16.39
C ILE C 131 -10.04 -27.32 16.49
N SER C 132 -10.72 -26.25 16.09
CA SER C 132 -12.18 -26.25 15.93
C SER C 132 -12.63 -25.05 15.11
N CYS D 10 30.28 -4.33 -20.17
CA CYS D 10 30.31 -3.07 -19.40
C CYS D 10 31.70 -2.47 -19.23
N GLY D 11 32.54 -3.15 -18.44
CA GLY D 11 33.89 -2.69 -18.21
C GLY D 11 34.79 -3.82 -17.75
N PRO D 12 36.08 -3.75 -18.11
CA PRO D 12 37.00 -4.85 -17.76
C PRO D 12 37.22 -5.00 -16.25
N GLY D 13 37.54 -3.91 -15.57
CA GLY D 13 37.78 -3.99 -14.14
C GLY D 13 36.59 -3.71 -13.26
N LYS D 14 35.38 -3.90 -13.78
CA LYS D 14 34.17 -3.69 -13.00
C LYS D 14 33.22 -4.84 -13.29
N VAL D 15 32.12 -4.90 -12.55
CA VAL D 15 31.26 -6.09 -12.50
C VAL D 15 29.98 -5.80 -13.28
N GLN D 16 29.71 -6.63 -14.29
CA GLN D 16 28.43 -6.60 -14.98
C GLN D 16 27.37 -7.37 -14.20
N ASN D 17 26.19 -6.78 -14.06
CA ASN D 17 25.04 -7.43 -13.43
C ASN D 17 23.77 -7.02 -14.15
N GLY D 18 22.85 -7.96 -14.31
CA GLY D 18 21.60 -7.71 -14.98
C GLY D 18 21.72 -7.58 -16.48
N SER D 19 20.57 -7.57 -17.17
CA SER D 19 20.51 -7.46 -18.61
C SER D 19 19.41 -6.48 -18.99
N GLY D 20 19.37 -6.13 -20.27
CA GLY D 20 18.36 -5.22 -20.78
C GLY D 20 18.40 -3.86 -20.12
N ASN D 21 17.35 -3.54 -19.36
CA ASN D 21 17.30 -2.28 -18.64
C ASN D 21 17.85 -2.38 -17.23
N ASN D 22 17.97 -3.59 -16.69
CA ASN D 22 18.61 -3.83 -15.40
C ASN D 22 20.14 -3.87 -15.52
N THR D 23 20.69 -3.49 -16.66
CA THR D 23 22.14 -3.49 -16.84
C THR D 23 22.78 -2.44 -15.94
N ARG D 24 23.89 -2.82 -15.31
CA ARG D 24 24.60 -1.93 -14.39
C ARG D 24 26.03 -2.44 -14.23
N CYS D 25 26.92 -1.53 -13.84
CA CYS D 25 28.32 -1.83 -13.63
C CYS D 25 28.64 -1.68 -12.15
N CYS D 26 28.75 -2.83 -11.47
CA CYS D 26 29.11 -2.89 -10.06
C CYS D 26 30.63 -2.88 -9.90
N SER D 27 31.07 -2.59 -8.69
CA SER D 27 32.48 -2.61 -8.34
C SER D 27 32.71 -3.72 -7.31
N LEU D 28 33.96 -3.86 -6.86
CA LEU D 28 34.33 -4.97 -5.98
C LEU D 28 33.47 -5.02 -4.71
N ARG D 40 28.63 0.12 -5.34
CA ARG D 40 28.20 1.31 -6.06
C ARG D 40 27.85 0.99 -7.50
N CYS D 41 27.00 -0.02 -7.71
CA CYS D 41 26.59 -0.35 -9.06
C CYS D 41 25.92 0.85 -9.70
N ILE D 42 26.16 1.05 -10.99
CA ILE D 42 25.65 2.20 -11.72
C ILE D 42 24.91 1.70 -12.94
N CYS D 43 23.60 1.94 -13.00
CA CYS D 43 22.81 1.55 -14.16
C CYS D 43 23.33 2.26 -15.40
N VAL D 44 23.64 1.47 -16.43
CA VAL D 44 24.25 2.02 -17.64
C VAL D 44 23.21 2.31 -18.72
N THR D 45 22.03 1.72 -18.64
CA THR D 45 20.96 2.08 -19.56
C THR D 45 20.59 3.55 -19.35
N PRO D 46 20.55 4.35 -20.41
CA PRO D 46 20.32 5.79 -20.23
C PRO D 46 19.00 6.08 -19.55
N GLU D 47 18.99 7.16 -18.78
CA GLU D 47 17.83 7.63 -17.98
C GLU D 47 17.28 6.53 -17.05
N TYR D 48 18.08 5.50 -16.80
CA TYR D 48 17.77 4.48 -15.80
C TYR D 48 18.73 4.62 -14.63
N HIS D 49 18.19 4.45 -13.41
CA HIS D 49 18.98 4.66 -12.21
C HIS D 49 18.68 3.56 -11.20
N CYS D 50 19.62 3.38 -10.28
CA CYS D 50 19.44 2.44 -9.17
C CYS D 50 18.19 2.81 -8.38
N GLY D 51 17.36 1.81 -8.09
CA GLY D 51 16.16 2.05 -7.32
C GLY D 51 16.37 1.82 -5.83
N ASP D 52 17.28 0.91 -5.52
CA ASP D 52 17.67 0.62 -4.15
C ASP D 52 19.11 1.05 -3.92
N PRO D 53 19.50 1.27 -2.66
CA PRO D 53 20.92 1.56 -2.38
C PRO D 53 21.86 0.48 -2.89
N GLN D 54 21.46 -0.79 -2.75
CA GLN D 54 22.25 -1.89 -3.32
C GLN D 54 22.14 -1.98 -4.84
N CYS D 55 21.30 -1.14 -5.45
CA CYS D 55 21.09 -1.15 -6.91
C CYS D 55 20.65 -2.53 -7.39
N LYS D 56 19.75 -3.16 -6.63
CA LYS D 56 19.25 -4.47 -7.03
C LYS D 56 18.47 -4.38 -8.33
N ILE D 57 17.70 -3.31 -8.52
CA ILE D 57 16.93 -3.08 -9.73
C ILE D 57 17.19 -1.66 -10.21
N CYS D 58 17.09 -1.47 -11.52
CA CYS D 58 17.21 -0.15 -12.14
C CYS D 58 15.82 0.40 -12.42
N LYS D 59 15.61 1.66 -12.06
CA LYS D 59 14.34 2.34 -12.26
C LYS D 59 14.48 3.41 -13.34
N HIS D 60 13.35 4.00 -13.71
CA HIS D 60 13.29 4.93 -14.83
C HIS D 60 12.80 6.29 -14.33
N TYR D 61 13.68 7.28 -14.37
CA TYR D 61 13.36 8.64 -13.93
C TYR D 61 14.18 9.62 -14.74
N PRO D 62 13.71 9.99 -15.93
CA PRO D 62 14.49 10.88 -16.78
C PRO D 62 14.51 12.31 -16.26
N CYS D 63 15.58 13.03 -16.64
CA CYS D 63 15.74 14.44 -16.36
C CYS D 63 15.83 15.25 -17.63
N GLN D 64 16.37 16.46 -17.52
CA GLN D 64 16.58 17.37 -18.64
C GLN D 64 18.04 17.79 -18.64
N PRO D 65 18.52 18.39 -19.72
CA PRO D 65 19.89 18.91 -19.72
C PRO D 65 20.17 19.80 -18.51
N GLY D 66 21.43 19.80 -18.08
CA GLY D 66 21.83 20.56 -16.91
C GLY D 66 21.20 20.11 -15.62
N GLN D 67 20.89 18.81 -15.51
CA GLN D 67 20.31 18.26 -14.29
C GLN D 67 20.84 16.86 -14.05
N ARG D 68 21.08 16.53 -12.77
CA ARG D 68 21.37 15.18 -12.35
C ARG D 68 20.15 14.59 -11.65
N VAL D 69 20.30 13.38 -11.13
CA VAL D 69 19.21 12.65 -10.50
C VAL D 69 19.64 12.32 -9.07
N GLU D 70 19.23 13.14 -8.11
CA GLU D 70 19.41 12.79 -6.71
C GLU D 70 18.40 11.74 -6.30
N SER D 71 18.81 10.88 -5.35
CA SER D 71 18.01 9.73 -4.94
C SER D 71 18.09 9.58 -3.43
N GLN D 72 17.19 10.25 -2.72
CA GLN D 72 17.13 10.14 -1.28
C GLN D 72 16.27 8.93 -0.90
N GLY D 73 16.71 8.21 0.12
CA GLY D 73 16.04 6.99 0.56
C GLY D 73 17.13 6.02 0.95
N ASP D 74 16.81 5.16 1.92
CA ASP D 74 17.76 4.19 2.43
C ASP D 74 17.40 2.73 2.12
N ILE D 75 16.20 2.47 1.59
CA ILE D 75 15.84 1.12 1.19
C ILE D 75 15.24 1.15 -0.21
N VAL D 76 14.42 2.15 -0.49
CA VAL D 76 13.82 2.35 -1.81
C VAL D 76 13.93 3.82 -2.14
N PHE D 77 14.45 4.14 -3.32
CA PHE D 77 14.78 5.52 -3.64
C PHE D 77 13.56 6.31 -4.11
N GLY D 78 13.52 7.57 -3.70
CA GLY D 78 12.68 8.56 -4.34
C GLY D 78 13.60 9.43 -5.15
N PHE D 79 13.09 10.15 -6.15
CA PHE D 79 13.94 10.80 -7.13
C PHE D 79 13.58 12.27 -7.25
N ARG D 80 14.57 13.13 -6.99
CA ARG D 80 14.48 14.56 -7.26
C ARG D 80 15.43 14.90 -8.40
N CYS D 81 14.95 15.67 -9.37
CA CYS D 81 15.74 16.02 -10.53
C CYS D 81 16.40 17.39 -10.32
N VAL D 82 17.41 17.38 -9.46
CA VAL D 82 18.16 18.59 -9.13
C VAL D 82 19.10 18.98 -10.27
N ALA D 83 19.38 20.27 -10.38
CA ALA D 83 20.25 20.82 -11.41
C ALA D 83 21.69 20.34 -11.21
N CYS D 84 22.53 20.61 -12.22
CA CYS D 84 23.91 20.16 -12.21
C CYS D 84 24.77 21.03 -11.30
N ALA D 85 25.61 20.38 -10.48
CA ALA D 85 26.55 21.08 -9.63
C ALA D 85 27.55 21.88 -10.46
N MET D 86 28.10 22.93 -9.84
CA MET D 86 29.08 23.75 -10.53
C MET D 86 30.32 22.92 -10.86
N GLY D 87 30.90 23.18 -12.03
CA GLY D 87 32.03 22.42 -12.52
C GLY D 87 31.68 21.22 -13.37
N THR D 88 30.40 20.90 -13.52
CA THR D 88 29.95 19.73 -14.25
C THR D 88 29.00 20.17 -15.36
N PHE D 89 28.39 19.18 -15.99
CA PHE D 89 27.42 19.43 -17.06
C PHE D 89 26.59 18.17 -17.24
N SER D 90 25.55 18.28 -18.05
CA SER D 90 24.74 17.15 -18.47
C SER D 90 23.86 17.59 -19.64
N ALA D 91 24.17 17.11 -20.84
CA ALA D 91 23.47 17.53 -22.05
C ALA D 91 22.42 16.51 -22.51
N GLY D 92 21.93 15.67 -21.59
CA GLY D 92 20.96 14.66 -21.95
C GLY D 92 19.94 14.45 -20.85
N ARG D 93 18.93 13.65 -21.16
CA ARG D 93 17.88 13.31 -20.20
C ARG D 93 18.34 12.33 -19.13
N ASP D 94 19.48 11.66 -19.32
CA ASP D 94 19.87 10.60 -18.39
C ASP D 94 20.08 11.12 -16.98
N GLY D 95 20.51 12.37 -16.84
CA GLY D 95 20.64 12.95 -15.52
C GLY D 95 21.89 12.51 -14.79
N HIS D 96 23.05 12.63 -15.42
CA HIS D 96 24.32 12.29 -14.81
C HIS D 96 25.29 13.45 -15.00
N CYS D 97 25.87 13.91 -13.90
CA CYS D 97 26.82 15.03 -13.92
C CYS D 97 28.18 14.49 -14.33
N ARG D 98 28.48 14.58 -15.63
CA ARG D 98 29.80 14.26 -16.10
C ARG D 98 30.72 15.47 -15.97
N LEU D 99 31.99 15.22 -15.69
CA LEU D 99 32.93 16.29 -15.39
C LEU D 99 33.37 16.96 -16.69
N TRP D 100 33.71 18.24 -16.58
CA TRP D 100 34.14 18.99 -17.75
C TRP D 100 35.44 18.41 -18.32
N THR D 101 35.60 18.55 -19.63
CA THR D 101 36.78 18.09 -20.33
C THR D 101 37.80 19.23 -20.35
N ASN D 102 38.87 19.08 -19.57
CA ASN D 102 39.94 20.08 -19.51
C ASN D 102 40.85 19.85 -20.70
N CYS D 103 40.57 20.59 -21.78
CA CYS D 103 41.34 20.46 -23.01
C CYS D 103 42.83 20.67 -22.76
N SER D 104 43.18 21.53 -21.79
CA SER D 104 44.57 21.89 -21.54
C SER D 104 45.40 20.68 -21.13
N GLN D 105 44.88 19.86 -20.23
CA GLN D 105 45.59 18.66 -19.81
C GLN D 105 45.55 17.55 -20.87
N PHE D 106 44.78 17.75 -21.93
CA PHE D 106 44.65 16.75 -22.99
C PHE D 106 45.44 17.12 -24.24
N GLY D 107 45.73 18.39 -24.45
CA GLY D 107 46.53 18.78 -25.60
C GLY D 107 46.09 20.06 -26.29
N PHE D 108 44.87 20.54 -26.02
CA PHE D 108 44.33 21.71 -26.68
C PHE D 108 44.02 22.81 -25.67
N LEU D 109 43.65 23.97 -26.18
CA LEU D 109 43.02 25.03 -25.41
C LEU D 109 41.52 24.96 -25.64
N THR D 110 40.78 25.76 -24.88
CA THR D 110 39.33 25.70 -24.86
C THR D 110 38.78 26.88 -25.65
N MET D 111 37.97 26.59 -26.66
CA MET D 111 37.30 27.66 -27.39
C MET D 111 36.16 28.26 -26.56
N PHE D 112 35.19 27.42 -26.17
CA PHE D 112 34.11 27.84 -25.28
C PHE D 112 34.25 27.11 -23.95
N PRO D 113 34.21 27.82 -22.82
CA PRO D 113 34.51 27.17 -21.53
C PRO D 113 33.51 26.11 -21.09
N GLY D 114 32.23 26.26 -21.38
CA GLY D 114 31.26 25.27 -20.96
C GLY D 114 30.52 25.66 -19.69
N ASN D 115 29.32 25.13 -19.53
CA ASN D 115 28.42 25.50 -18.43
C ASN D 115 27.72 24.26 -17.91
N LYS D 116 26.57 24.45 -17.27
CA LYS D 116 25.77 23.32 -16.82
C LYS D 116 25.15 22.58 -17.99
N THR D 117 24.65 23.33 -18.97
CA THR D 117 24.00 22.72 -20.12
C THR D 117 24.99 22.00 -21.02
N HIS D 118 26.20 22.54 -21.17
CA HIS D 118 27.09 22.14 -22.25
C HIS D 118 28.52 21.96 -21.75
N ASN D 119 29.22 21.03 -22.39
CA ASN D 119 30.60 20.74 -22.11
C ASN D 119 31.49 21.59 -23.00
N ALA D 120 32.70 21.84 -22.53
CA ALA D 120 33.66 22.66 -23.27
C ALA D 120 34.00 22.04 -24.63
N VAL D 121 34.42 22.90 -25.55
CA VAL D 121 34.89 22.49 -26.87
C VAL D 121 36.40 22.72 -26.91
N CYS D 122 37.10 21.90 -27.71
CA CYS D 122 38.55 21.98 -27.78
C CYS D 122 38.98 22.38 -29.19
N ILE D 123 40.05 23.17 -29.26
CA ILE D 123 40.54 23.72 -30.52
C ILE D 123 41.72 22.86 -30.97
N PRO D 124 41.60 22.09 -32.06
CA PRO D 124 42.81 21.44 -32.58
C PRO D 124 43.70 22.41 -33.35
C1 NAG E . -23.39 7.58 -35.87
C2 NAG E . -24.01 8.87 -35.34
C3 NAG E . -23.13 10.08 -35.68
C4 NAG E . -22.41 9.93 -37.02
C5 NAG E . -21.65 8.60 -37.10
C6 NAG E . -20.16 8.78 -37.10
C7 NAG E . -26.45 8.88 -35.12
C8 NAG E . -27.75 9.12 -35.82
N2 NAG E . -25.35 9.05 -35.86
O3 NAG E . -22.17 10.26 -34.65
O4 NAG E . -23.30 10.02 -38.14
O5 NAG E . -21.98 7.75 -35.99
O6 NAG E . -19.71 9.55 -38.20
O7 NAG E . -26.39 8.54 -33.95
C1 NAG E . -24.21 11.15 -38.23
C2 NAG E . -23.57 12.54 -37.94
C3 NAG E . -22.58 12.94 -39.03
C4 NAG E . -22.87 12.25 -40.35
C5 NAG E . -24.37 12.11 -40.52
C6 NAG E . -24.77 11.62 -41.89
C7 NAG E . -24.55 14.48 -36.79
C8 NAG E . -25.70 15.44 -36.75
N2 NAG E . -24.59 13.56 -37.76
O3 NAG E . -21.25 12.65 -38.60
O4 NAG E . -22.34 13.01 -41.43
O5 NAG E . -24.87 11.16 -39.58
O6 NAG E . -24.83 12.70 -42.83
O7 NAG E . -23.63 14.53 -35.98
C1 NAG F . -20.85 -19.45 20.26
C2 NAG F . -22.12 -19.18 21.06
C3 NAG F . -23.27 -20.05 20.54
C4 NAG F . -23.44 -19.88 19.04
C5 NAG F . -22.11 -20.13 18.33
C6 NAG F . -22.18 -19.89 16.84
C7 NAG F . -22.43 -18.70 23.44
C8 NAG F . -22.08 -19.10 24.85
N2 NAG F . -21.89 -19.43 22.47
O3 NAG F . -24.47 -19.67 21.21
O4 NAG F . -24.41 -20.81 18.56
O5 NAG F . -21.11 -19.25 18.86
O6 NAG F . -22.98 -20.87 16.19
O7 NAG F . -23.18 -17.75 23.20
C1 NAG G . -14.27 19.07 -5.59
C2 NAG G . -13.22 19.85 -6.39
C3 NAG G . -12.04 20.27 -5.51
C4 NAG G . -12.54 20.97 -4.25
C5 NAG G . -13.59 20.13 -3.54
C6 NAG G . -14.21 20.83 -2.35
C7 NAG G . -12.15 17.99 -7.76
C8 NAG G . -11.82 17.22 -6.50
N2 NAG G . -12.78 19.18 -7.62
O3 NAG G . -11.17 21.12 -6.24
O4 NAG G . -11.45 21.21 -3.37
O5 NAG G . -14.68 19.83 -4.45
O6 NAG G . -14.55 19.91 -1.33
O7 NAG G . -11.85 17.57 -8.86
C1 NAG H . 26.56 26.86 -22.56
C2 NAG H . 25.41 27.84 -22.79
C3 NAG H . 24.88 27.72 -24.21
C4 NAG H . 26.02 27.89 -25.20
C5 NAG H . 27.10 26.86 -24.87
C6 NAG H . 28.30 26.98 -25.76
C7 NAG H . 24.32 28.34 -20.69
C8 NAG H . 23.14 28.10 -19.83
N2 NAG H . 24.34 27.67 -21.84
O3 NAG H . 23.91 28.74 -24.41
O4 NAG H . 25.55 27.70 -26.53
O5 NAG H . 27.56 27.07 -23.53
O6 NAG H . 28.45 28.32 -26.19
O7 NAG H . 25.21 29.12 -20.39
#